data_9S0O
#
_entry.id   9S0O
#
_cell.length_a   89.436
_cell.length_b   54.75
_cell.length_c   57.388
_cell.angle_alpha   90
_cell.angle_beta   90
_cell.angle_gamma   90
#
_symmetry.space_group_name_H-M   'P 21 21 2'
#
loop_
_entity.id
_entity.type
_entity.pdbx_description
1 polymer '5-hydroxymethyl-dUMP N-hydrolase'
2 non-polymer '2-[[2-[methyl-[2-(4-phenylphenyl)ethyl]amino]-1,3-thiazol-4-yl]methyl]-3,4-dihydro-1~{H}-isoquinoline-7-carboxylic acid'
3 non-polymer 1,2-ETHANEDIOL
4 water water
#
_entity_poly.entity_id   1
_entity_poly.type   'polypeptide(L)'
_entity_poly.pdbx_seq_one_letter_code
;MRPALYFCGSIRGGREDRTLYERIVSRLRRFGTVLTEHVAAAELGARGEEAAGGDRLIHEQDLEWLQQADVVVAEVTQPS
LGVGYELGRAVAFNKRILCLFRPQSGRVLSAMIRGAADGSRFQVWDYEEGEVEALLDRYFEADPLEENLYFQ
;
_entity_poly.pdbx_strand_id   A,B
#
loop_
_chem_comp.id
_chem_comp.type
_chem_comp.name
_chem_comp.formula
A1JKT non-polymer '2-[[2-[methyl-[2-(4-phenylphenyl)ethyl]amino]-1,3-thiazol-4-yl]methyl]-3,4-dihydro-1~{H}-isoquinoline-7-carboxylic acid' 'C29 H29 N3 O2 S'
EDO non-polymer 1,2-ETHANEDIOL 'C2 H6 O2'
#
# COMPACT_ATOMS: atom_id res chain seq x y z
N ARG A 2 15.44 21.06 10.06
CA ARG A 2 15.40 19.72 10.67
C ARG A 2 15.10 18.69 9.59
N PRO A 3 15.55 17.42 9.75
CA PRO A 3 15.13 16.37 8.80
C PRO A 3 13.59 16.30 8.77
N ALA A 4 13.01 16.05 7.59
CA ALA A 4 11.54 15.99 7.46
C ALA A 4 11.17 14.52 7.55
N LEU A 5 10.38 14.18 8.54
CA LEU A 5 10.01 12.80 8.80
C LEU A 5 8.55 12.59 8.47
N TYR A 6 8.28 11.47 7.82
CA TYR A 6 6.90 11.10 7.47
C TYR A 6 6.57 9.82 8.24
N PHE A 7 5.48 9.80 8.99
CA PHE A 7 5.08 8.60 9.72
C PHE A 7 3.77 8.10 9.10
N CYS A 8 3.62 6.78 8.91
CA CYS A 8 2.36 6.23 8.46
C CYS A 8 2.03 4.95 9.20
N GLY A 9 0.75 4.75 9.34
CA GLY A 9 0.19 3.55 9.95
C GLY A 9 -1.21 3.36 9.43
N SER A 10 -1.80 2.21 9.73
CA SER A 10 -3.15 1.90 9.29
C SER A 10 -4.21 2.86 9.87
N ILE A 11 -5.10 3.34 9.01
CA ILE A 11 -6.22 4.19 9.48
C ILE A 11 -7.21 3.37 10.33
N ARG A 12 -7.37 2.09 10.03
CA ARG A 12 -8.31 1.23 10.73
C ARG A 12 -7.86 0.86 12.13
N GLY A 13 -6.56 0.84 12.36
CA GLY A 13 -6.03 0.61 13.70
C GLY A 13 -6.09 1.84 14.58
N GLY A 14 -6.18 3.03 13.96
CA GLY A 14 -6.19 4.37 14.57
C GLY A 14 -6.73 4.61 15.96
N ARG A 15 -7.82 3.93 16.37
CA ARG A 15 -8.37 4.12 17.71
C ARG A 15 -7.70 3.16 18.69
N GLU A 16 -7.52 1.90 18.26
CA GLU A 16 -6.90 0.88 19.11
C GLU A 16 -5.42 1.18 19.30
N ASP A 17 -4.74 1.52 18.20
CA ASP A 17 -3.34 1.85 18.21
C ASP A 17 -3.05 3.33 18.39
N ARG A 18 -4.04 4.14 18.84
CA ARG A 18 -3.86 5.56 19.07
C ARG A 18 -2.60 5.89 19.90
N THR A 19 -2.42 5.23 21.06
CA THR A 19 -1.27 5.48 21.93
C THR A 19 0.09 5.03 21.35
N LEU A 20 0.16 3.85 20.70
CA LEU A 20 1.40 3.40 20.11
C LEU A 20 1.89 4.33 18.99
N TYR A 21 1.00 4.70 18.04
CA TYR A 21 1.40 5.62 16.96
C TYR A 21 1.79 6.98 17.59
N GLU A 22 1.11 7.39 18.70
CA GLU A 22 1.43 8.60 19.44
C GLU A 22 2.84 8.55 20.03
N ARG A 23 3.26 7.39 20.57
CA ARG A 23 4.62 7.20 21.14
C ARG A 23 5.68 7.26 20.05
N ILE A 24 5.38 6.67 18.86
CA ILE A 24 6.35 6.70 17.77
C ILE A 24 6.50 8.15 17.30
N VAL A 25 5.38 8.83 17.04
CA VAL A 25 5.39 10.21 16.60
C VAL A 25 6.11 11.14 17.60
N SER A 26 5.81 11.00 18.88
CA SER A 26 6.48 11.79 19.92
C SER A 26 7.98 11.58 19.94
N ARG A 27 8.45 10.32 19.73
CA ARG A 27 9.89 10.08 19.70
C ARG A 27 10.52 10.57 18.40
N LEU A 28 9.77 10.45 17.27
CA LEU A 28 10.27 11.01 16.00
C LEU A 28 10.47 12.51 16.10
N ARG A 29 9.66 13.21 16.92
CA ARG A 29 9.76 14.67 17.09
CA ARG A 29 9.78 14.67 17.08
C ARG A 29 11.16 15.07 17.59
N ARG A 30 11.82 14.17 18.32
CA ARG A 30 13.15 14.40 18.85
C ARG A 30 14.17 14.49 17.73
N PHE A 31 13.91 13.83 16.56
CA PHE A 31 14.88 13.75 15.49
C PHE A 31 14.58 14.56 14.22
N GLY A 32 13.40 15.13 14.14
CA GLY A 32 13.06 15.95 12.99
C GLY A 32 11.64 16.48 13.05
N THR A 33 11.24 17.19 12.00
CA THR A 33 9.91 17.72 11.90
C THR A 33 9.03 16.60 11.39
N VAL A 34 7.97 16.28 12.11
CA VAL A 34 7.05 15.22 11.70
C VAL A 34 5.97 15.84 10.84
N LEU A 35 6.17 15.74 9.52
CA LEU A 35 5.31 16.32 8.50
C LEU A 35 3.87 15.87 8.65
N THR A 36 3.67 14.61 9.00
CA THR A 36 2.36 13.97 9.07
C THR A 36 1.58 14.22 10.35
N GLU A 37 2.14 14.93 11.32
CA GLU A 37 1.45 15.14 12.59
C GLU A 37 0.23 16.02 12.41
N HIS A 38 0.35 17.07 11.60
CA HIS A 38 -0.76 17.99 11.37
C HIS A 38 -0.92 18.33 9.93
N VAL A 39 -2.17 18.63 9.58
CA VAL A 39 -2.59 19.05 8.24
C VAL A 39 -2.98 20.54 8.30
N ALA A 40 -2.33 21.45 7.55
CA ALA A 40 -2.75 22.85 7.54
C ALA A 40 -3.94 22.97 6.58
N ALA A 41 -5.06 23.53 7.05
CA ALA A 41 -6.28 23.62 6.25
C ALA A 41 -6.16 24.49 5.01
N ALA A 42 -5.40 25.60 5.05
CA ALA A 42 -5.23 26.44 3.86
C ALA A 42 -4.49 25.68 2.74
N GLU A 43 -3.68 24.66 3.09
CA GLU A 43 -2.98 23.85 2.11
C GLU A 43 -4.02 23.00 1.37
N LEU A 44 -4.94 22.36 2.10
CA LEU A 44 -5.99 21.55 1.47
C LEU A 44 -6.91 22.41 0.59
N GLY A 45 -7.24 23.60 1.07
CA GLY A 45 -8.08 24.53 0.34
C GLY A 45 -7.43 24.97 -0.96
N ALA A 46 -6.11 25.24 -0.93
CA ALA A 46 -5.37 25.63 -2.13
C ALA A 46 -5.41 24.54 -3.22
N ARG A 47 -5.62 23.27 -2.84
CA ARG A 47 -5.70 22.16 -3.81
C ARG A 47 -7.11 21.94 -4.35
N ALA A 52 -11.68 17.96 -6.86
CA ALA A 52 -11.23 16.79 -6.12
C ALA A 52 -12.17 16.38 -4.95
N GLY A 53 -12.63 15.14 -4.97
CA GLY A 53 -13.44 14.61 -3.87
C GLY A 53 -12.60 14.32 -2.64
N GLY A 54 -13.24 13.86 -1.58
CA GLY A 54 -12.58 13.61 -0.29
C GLY A 54 -11.42 12.65 -0.34
N ASP A 55 -11.63 11.47 -0.97
CA ASP A 55 -10.55 10.49 -1.09
C ASP A 55 -9.38 11.07 -1.89
N ARG A 56 -9.69 11.78 -3.01
CA ARG A 56 -8.63 12.38 -3.84
C ARG A 56 -7.82 13.42 -3.07
N LEU A 57 -8.52 14.25 -2.28
CA LEU A 57 -7.87 15.26 -1.45
C LEU A 57 -6.88 14.61 -0.46
N ILE A 58 -7.29 13.51 0.14
CA ILE A 58 -6.43 12.79 1.09
C ILE A 58 -5.23 12.22 0.37
N HIS A 59 -5.47 11.52 -0.78
CA HIS A 59 -4.36 10.95 -1.57
C HIS A 59 -3.32 12.03 -1.92
N GLU A 60 -3.77 13.19 -2.46
CA GLU A 60 -2.89 14.28 -2.85
C GLU A 60 -2.14 14.87 -1.70
N GLN A 61 -2.81 15.08 -0.54
CA GLN A 61 -2.09 15.63 0.61
C GLN A 61 -1.02 14.63 1.09
N ASP A 62 -1.39 13.36 1.13
CA ASP A 62 -0.48 12.32 1.60
C ASP A 62 0.74 12.20 0.69
N LEU A 63 0.53 12.33 -0.65
CA LEU A 63 1.64 12.28 -1.61
C LEU A 63 2.54 13.51 -1.52
N GLU A 64 1.98 14.63 -1.13
CA GLU A 64 2.78 15.85 -0.90
C GLU A 64 3.66 15.62 0.31
N TRP A 65 3.09 15.14 1.43
CA TRP A 65 3.92 14.79 2.60
C TRP A 65 5.02 13.77 2.26
N LEU A 66 4.67 12.71 1.50
CA LEU A 66 5.63 11.66 1.15
C LEU A 66 6.82 12.24 0.36
N GLN A 67 6.56 13.13 -0.62
CA GLN A 67 7.64 13.68 -1.44
C GLN A 67 8.51 14.66 -0.64
N GLN A 68 7.91 15.36 0.33
CA GLN A 68 8.64 16.31 1.20
C GLN A 68 9.58 15.55 2.19
N ALA A 69 9.32 14.27 2.46
CA ALA A 69 10.04 13.49 3.46
C ALA A 69 11.50 13.12 3.15
N ASP A 70 12.36 13.16 4.18
CA ASP A 70 13.75 12.66 4.10
C ASP A 70 13.71 11.18 4.57
N VAL A 71 12.85 10.85 5.56
CA VAL A 71 12.73 9.48 6.06
C VAL A 71 11.24 9.15 6.20
N VAL A 72 10.88 7.97 5.76
CA VAL A 72 9.51 7.46 5.90
C VAL A 72 9.57 6.34 6.91
N VAL A 73 8.81 6.47 7.98
CA VAL A 73 8.70 5.47 9.04
C VAL A 73 7.26 4.89 8.94
N ALA A 74 7.14 3.56 8.75
CA ALA A 74 5.85 2.92 8.62
C ALA A 74 5.63 1.85 9.67
N GLU A 75 4.50 1.89 10.37
CA GLU A 75 4.17 0.83 11.32
C GLU A 75 3.30 -0.13 10.46
N VAL A 76 3.88 -1.29 10.15
CA VAL A 76 3.28 -2.28 9.21
C VAL A 76 2.67 -3.52 9.89
N THR A 77 2.24 -3.37 11.15
CA THR A 77 1.66 -4.51 11.87
C THR A 77 0.25 -4.83 11.38
N GLN A 78 -0.58 -3.82 11.18
CA GLN A 78 -1.94 -4.04 10.68
C GLN A 78 -1.94 -3.96 9.16
N PRO A 79 -2.49 -4.98 8.49
CA PRO A 79 -2.55 -4.94 7.02
C PRO A 79 -3.35 -3.74 6.57
N SER A 80 -2.83 -3.01 5.57
CA SER A 80 -3.51 -1.83 5.06
C SER A 80 -3.08 -1.63 3.62
N LEU A 81 -4.03 -1.41 2.72
CA LEU A 81 -3.72 -1.08 1.32
C LEU A 81 -3.04 0.30 1.29
N GLY A 82 -3.51 1.22 2.15
CA GLY A 82 -2.99 2.58 2.17
C GLY A 82 -1.52 2.61 2.54
N VAL A 83 -1.16 1.93 3.65
CA VAL A 83 0.25 1.90 4.07
C VAL A 83 1.14 1.21 3.03
N GLY A 84 0.67 0.08 2.45
CA GLY A 84 1.46 -0.59 1.40
C GLY A 84 1.66 0.35 0.21
N TYR A 85 0.60 1.04 -0.21
CA TYR A 85 0.67 2.00 -1.33
C TYR A 85 1.69 3.10 -1.07
N GLU A 86 1.68 3.61 0.16
CA GLU A 86 2.62 4.67 0.56
C GLU A 86 4.05 4.16 0.49
N LEU A 87 4.27 2.91 0.94
CA LEU A 87 5.60 2.32 0.89
C LEU A 87 6.02 2.10 -0.54
N GLY A 88 5.10 1.72 -1.42
CA GLY A 88 5.43 1.50 -2.83
C GLY A 88 5.82 2.83 -3.47
N ARG A 89 5.03 3.89 -3.24
CA ARG A 89 5.34 5.22 -3.80
C ARG A 89 6.67 5.75 -3.22
N ALA A 90 6.90 5.52 -1.91
CA ALA A 90 8.12 5.96 -1.19
C ALA A 90 9.38 5.28 -1.76
N VAL A 91 9.30 3.99 -2.10
CA VAL A 91 10.41 3.28 -2.73
C VAL A 91 10.78 3.93 -4.05
N ALA A 92 9.76 4.23 -4.85
CA ALA A 92 9.99 4.82 -6.16
C ALA A 92 10.47 6.25 -6.09
N PHE A 93 10.18 6.96 -4.97
CA PHE A 93 10.71 8.30 -4.75
C PHE A 93 12.16 8.18 -4.18
N ASN A 94 12.72 6.98 -4.00
CA ASN A 94 14.07 6.77 -3.42
C ASN A 94 14.14 7.34 -1.99
N LYS A 95 13.08 7.14 -1.20
CA LYS A 95 13.09 7.59 0.17
C LYS A 95 13.79 6.56 1.04
N ARG A 96 14.43 7.02 2.13
CA ARG A 96 14.98 6.13 3.15
C ARG A 96 13.71 5.73 3.94
N ILE A 97 13.49 4.45 4.09
CA ILE A 97 12.32 3.89 4.72
C ILE A 97 12.70 2.99 5.89
N LEU A 98 11.92 3.08 6.96
CA LEU A 98 12.04 2.21 8.10
C LEU A 98 10.63 1.67 8.35
N CYS A 99 10.45 0.34 8.30
CA CYS A 99 9.20 -0.30 8.69
C CYS A 99 9.38 -0.95 10.05
N LEU A 100 8.37 -0.82 10.89
CA LEU A 100 8.31 -1.37 12.25
C LEU A 100 7.16 -2.36 12.33
N PHE A 101 7.47 -3.61 12.70
CA PHE A 101 6.48 -4.68 12.75
C PHE A 101 6.53 -5.35 14.13
N ARG A 102 5.38 -5.70 14.71
CA ARG A 102 5.35 -6.36 16.01
C ARG A 102 4.98 -7.80 15.87
N PRO A 103 5.95 -8.72 15.93
CA PRO A 103 5.61 -10.15 15.81
C PRO A 103 4.71 -10.67 16.93
N GLN A 104 4.58 -9.92 18.06
CA GLN A 104 3.67 -10.33 19.14
C GLN A 104 2.21 -10.33 18.67
N SER A 105 1.88 -9.57 17.60
CA SER A 105 0.52 -9.53 17.06
C SER A 105 0.05 -10.91 16.53
N GLY A 106 0.99 -11.84 16.32
CA GLY A 106 0.69 -13.16 15.78
C GLY A 106 0.56 -13.20 14.27
N ARG A 107 0.62 -12.02 13.62
CA ARG A 107 0.49 -11.93 12.18
C ARG A 107 1.80 -12.24 11.51
N VAL A 108 1.73 -12.62 10.25
CA VAL A 108 2.91 -12.82 9.44
C VAL A 108 2.98 -11.57 8.55
N LEU A 109 4.08 -10.82 8.61
CA LEU A 109 4.26 -9.65 7.79
C LEU A 109 4.32 -10.05 6.30
N SER A 110 3.56 -9.32 5.46
CA SER A 110 3.58 -9.51 4.01
C SER A 110 4.99 -9.67 3.43
N ALA A 111 5.19 -10.74 2.63
CA ALA A 111 6.47 -10.98 1.95
C ALA A 111 6.84 -9.82 1.05
N MET A 112 5.85 -9.05 0.54
CA MET A 112 6.17 -7.90 -0.28
C MET A 112 6.85 -6.82 0.51
N ILE A 113 6.52 -6.65 1.80
CA ILE A 113 7.18 -5.66 2.65
C ILE A 113 8.47 -6.21 3.23
N ARG A 114 8.43 -7.42 3.79
CA ARG A 114 9.65 -8.04 4.36
C ARG A 114 10.73 -8.19 3.22
N GLY A 115 10.30 -8.62 2.04
CA GLY A 115 11.17 -8.83 0.89
C GLY A 115 11.65 -7.56 0.21
N ALA A 116 11.07 -6.42 0.56
CA ALA A 116 11.48 -5.13 0.02
C ALA A 116 12.76 -4.60 0.69
N ALA A 117 13.06 -5.08 1.89
CA ALA A 117 14.23 -4.63 2.64
C ALA A 117 15.50 -4.93 1.90
N ASP A 118 16.35 -3.96 1.80
CA ASP A 118 17.64 -4.10 1.16
C ASP A 118 18.79 -3.90 2.20
N GLY A 119 18.48 -3.79 3.48
CA GLY A 119 19.49 -3.60 4.52
C GLY A 119 19.86 -2.15 4.82
N SER A 120 19.82 -1.22 3.82
CA SER A 120 20.19 0.16 4.11
C SER A 120 19.03 1.19 3.90
N ARG A 121 18.67 1.51 2.65
CA ARG A 121 17.62 2.49 2.40
C ARG A 121 16.20 1.98 2.70
N PHE A 122 16.00 0.66 2.80
CA PHE A 122 14.70 0.10 3.16
C PHE A 122 14.97 -0.93 4.24
N GLN A 123 14.65 -0.60 5.51
CA GLN A 123 14.84 -1.53 6.59
C GLN A 123 13.51 -1.95 7.18
N VAL A 124 13.40 -3.21 7.59
CA VAL A 124 12.23 -3.72 8.26
C VAL A 124 12.72 -4.30 9.59
N TRP A 125 12.18 -3.82 10.70
CA TRP A 125 12.64 -4.21 12.03
C TRP A 125 11.52 -4.76 12.86
N ASP A 126 11.65 -6.01 13.28
CA ASP A 126 10.71 -6.60 14.23
C ASP A 126 11.03 -5.95 15.59
N TYR A 127 10.01 -5.61 16.32
CA TYR A 127 10.17 -4.96 17.61
C TYR A 127 9.12 -5.40 18.61
N GLU A 128 9.47 -5.32 19.89
CA GLU A 128 8.53 -5.52 20.98
C GLU A 128 8.16 -4.08 21.34
N GLU A 129 6.90 -3.79 21.66
CA GLU A 129 6.47 -2.41 21.87
C GLU A 129 7.29 -1.59 22.87
N GLY A 130 7.79 -2.22 23.93
CA GLY A 130 8.49 -1.52 24.99
C GLY A 130 9.80 -0.90 24.56
N GLU A 131 10.46 -1.48 23.57
CA GLU A 131 11.71 -0.95 23.07
C GLU A 131 11.54 0.04 21.89
N VAL A 132 10.31 0.44 21.51
CA VAL A 132 10.13 1.26 20.30
C VAL A 132 10.91 2.60 20.35
N GLU A 133 10.89 3.31 21.50
CA GLU A 133 11.67 4.54 21.63
C GLU A 133 13.16 4.26 21.47
N ALA A 134 13.65 3.18 22.13
CA ALA A 134 15.07 2.79 22.07
C ALA A 134 15.45 2.41 20.62
N LEU A 135 14.54 1.76 19.90
CA LEU A 135 14.78 1.37 18.51
C LEU A 135 14.84 2.62 17.63
N LEU A 136 13.96 3.60 17.86
CA LEU A 136 14.00 4.84 17.08
C LEU A 136 15.30 5.60 17.36
N ASP A 137 15.78 5.62 18.62
CA ASP A 137 17.06 6.27 18.93
C ASP A 137 18.21 5.66 18.14
N ARG A 138 18.26 4.34 18.10
CA ARG A 138 19.28 3.60 17.38
C ARG A 138 19.24 3.91 15.90
N TYR A 139 18.03 3.91 15.30
CA TYR A 139 17.92 4.23 13.88
C TYR A 139 18.41 5.64 13.58
N PHE A 140 18.05 6.61 14.43
CA PHE A 140 18.38 7.99 14.17
C PHE A 140 19.77 8.42 14.68
N GLU A 141 20.54 7.50 15.29
CA GLU A 141 21.89 7.84 15.77
C GLU A 141 22.89 7.85 14.64
N ARG B 2 -1.32 -9.48 -27.91
CA ARG B 2 -1.75 -9.85 -26.58
C ARG B 2 -0.93 -9.21 -25.43
N PRO B 3 -1.60 -8.47 -24.56
CA PRO B 3 -0.88 -7.83 -23.44
C PRO B 3 -0.43 -8.83 -22.38
N ALA B 4 0.54 -8.42 -21.56
CA ALA B 4 1.03 -9.14 -20.40
C ALA B 4 0.19 -8.55 -19.20
N LEU B 5 -0.42 -9.41 -18.42
CA LEU B 5 -1.37 -8.99 -17.39
C LEU B 5 -0.90 -9.39 -16.04
N TYR B 6 -0.86 -8.44 -15.11
CA TYR B 6 -0.41 -8.74 -13.76
C TYR B 6 -1.62 -8.73 -12.84
N PHE B 7 -1.90 -9.83 -12.16
CA PHE B 7 -3.01 -9.86 -11.20
C PHE B 7 -2.46 -9.82 -9.78
N CYS B 8 -3.09 -9.01 -8.94
CA CYS B 8 -2.78 -9.07 -7.52
C CYS B 8 -4.03 -9.14 -6.66
N GLY B 9 -3.87 -9.88 -5.60
CA GLY B 9 -4.87 -10.03 -4.57
C GLY B 9 -4.18 -10.41 -3.27
N SER B 10 -4.90 -10.31 -2.20
CA SER B 10 -4.39 -10.54 -0.86
C SER B 10 -4.03 -11.99 -0.65
N ILE B 11 -2.87 -12.24 -0.02
CA ILE B 11 -2.45 -13.60 0.34
C ILE B 11 -3.37 -14.18 1.45
N ARG B 12 -4.11 -13.32 2.18
CA ARG B 12 -5.02 -13.68 3.26
C ARG B 12 -6.49 -13.59 2.88
N GLY B 13 -6.82 -13.57 1.59
CA GLY B 13 -8.21 -13.51 1.14
C GLY B 13 -9.02 -14.71 1.63
N GLY B 14 -10.31 -14.48 1.90
CA GLY B 14 -11.23 -15.52 2.34
C GLY B 14 -11.69 -16.46 1.24
N ARG B 15 -12.69 -17.29 1.53
CA ARG B 15 -13.24 -18.26 0.59
C ARG B 15 -13.91 -17.56 -0.59
N GLU B 16 -14.61 -16.46 -0.32
CA GLU B 16 -15.27 -15.71 -1.38
C GLU B 16 -14.19 -15.03 -2.24
N ASP B 17 -13.21 -14.40 -1.60
CA ASP B 17 -12.10 -13.75 -2.31
C ASP B 17 -11.33 -14.74 -3.17
N ARG B 18 -10.97 -15.92 -2.66
CA ARG B 18 -10.24 -16.93 -3.43
C ARG B 18 -10.98 -17.37 -4.70
N THR B 19 -12.30 -17.58 -4.61
CA THR B 19 -13.07 -17.97 -5.78
C THR B 19 -13.14 -16.82 -6.80
N LEU B 20 -13.20 -15.59 -6.32
CA LEU B 20 -13.21 -14.41 -7.17
C LEU B 20 -11.87 -14.23 -7.82
N TYR B 21 -10.74 -14.40 -7.11
CA TYR B 21 -9.41 -14.27 -7.72
C TYR B 21 -9.27 -15.28 -8.87
N GLU B 22 -9.70 -16.53 -8.64
CA GLU B 22 -9.65 -17.59 -9.67
C GLU B 22 -10.49 -17.16 -10.88
N ARG B 23 -11.67 -16.58 -10.66
CA ARG B 23 -12.55 -16.13 -11.72
C ARG B 23 -11.95 -14.96 -12.50
N ILE B 24 -11.30 -14.02 -11.78
CA ILE B 24 -10.70 -12.87 -12.44
C ILE B 24 -9.53 -13.33 -13.32
N VAL B 25 -8.65 -14.16 -12.76
CA VAL B 25 -7.47 -14.67 -13.46
C VAL B 25 -7.95 -15.48 -14.70
N SER B 26 -8.97 -16.36 -14.51
CA SER B 26 -9.50 -17.16 -15.63
CA SER B 26 -9.49 -17.15 -15.62
C SER B 26 -9.95 -16.26 -16.79
N ARG B 27 -10.64 -15.17 -16.48
CA ARG B 27 -11.14 -14.25 -17.52
C ARG B 27 -10.01 -13.42 -18.13
N LEU B 28 -9.04 -13.00 -17.32
CA LEU B 28 -7.89 -12.26 -17.85
C LEU B 28 -7.15 -13.07 -18.93
N ARG B 29 -7.14 -14.41 -18.82
CA ARG B 29 -6.53 -15.31 -19.83
CA ARG B 29 -6.49 -15.25 -19.83
C ARG B 29 -7.13 -15.14 -21.21
N ARG B 30 -8.39 -14.65 -21.29
CA ARG B 30 -9.04 -14.44 -22.56
C ARG B 30 -8.34 -13.27 -23.32
N PHE B 31 -7.75 -12.31 -22.57
CA PHE B 31 -7.14 -11.12 -23.15
C PHE B 31 -5.65 -11.18 -23.30
N GLY B 32 -4.97 -11.93 -22.45
CA GLY B 32 -3.52 -11.98 -22.52
C GLY B 32 -2.91 -12.97 -21.59
N THR B 33 -1.62 -12.83 -21.43
CA THR B 33 -0.85 -13.75 -20.60
C THR B 33 -0.86 -13.27 -19.15
N VAL B 34 -1.31 -14.10 -18.21
CA VAL B 34 -1.27 -13.69 -16.81
C VAL B 34 0.09 -14.05 -16.23
N LEU B 35 0.89 -13.05 -15.92
CA LEU B 35 2.27 -13.23 -15.42
C LEU B 35 2.32 -13.96 -14.09
N THR B 36 1.35 -13.63 -13.24
CA THR B 36 1.14 -14.18 -11.91
C THR B 36 0.20 -15.38 -12.00
N GLY B 54 11.96 -17.46 0.89
CA GLY B 54 12.76 -16.24 0.96
C GLY B 54 11.97 -15.05 0.47
N ASP B 55 11.65 -14.13 1.38
CA ASP B 55 10.84 -12.98 1.05
C ASP B 55 11.49 -12.06 0.03
N ARG B 56 12.81 -11.84 0.09
CA ARG B 56 13.51 -11.01 -0.90
C ARG B 56 13.33 -11.55 -2.32
N LEU B 57 13.46 -12.86 -2.48
CA LEU B 57 13.31 -13.51 -3.79
C LEU B 57 11.88 -13.34 -4.34
N ILE B 58 10.87 -13.51 -3.50
CA ILE B 58 9.45 -13.32 -3.85
C ILE B 58 9.24 -11.88 -4.36
N HIS B 59 9.76 -10.88 -3.60
CA HIS B 59 9.66 -9.46 -3.95
C HIS B 59 10.32 -9.21 -5.30
N GLU B 60 11.59 -9.63 -5.48
CA GLU B 60 12.29 -9.37 -6.73
C GLU B 60 11.60 -9.97 -7.95
N GLN B 61 11.11 -11.20 -7.82
CA GLN B 61 10.42 -11.86 -8.94
C GLN B 61 9.10 -11.17 -9.26
N ASP B 62 8.31 -10.84 -8.22
CA ASP B 62 7.03 -10.15 -8.45
C ASP B 62 7.22 -8.78 -9.06
N LEU B 63 8.26 -8.07 -8.64
CA LEU B 63 8.59 -6.74 -9.18
C LEU B 63 9.01 -6.82 -10.64
N GLU B 64 9.74 -7.87 -11.01
CA GLU B 64 10.13 -8.10 -12.40
C GLU B 64 8.86 -8.31 -13.26
N TRP B 65 7.91 -9.11 -12.79
CA TRP B 65 6.64 -9.27 -13.51
C TRP B 65 5.85 -7.97 -13.62
N LEU B 66 5.80 -7.24 -12.53
CA LEU B 66 5.08 -5.97 -12.48
C LEU B 66 5.65 -4.96 -13.48
N GLN B 67 6.99 -4.94 -13.63
CA GLN B 67 7.61 -4.01 -14.58
C GLN B 67 7.29 -4.35 -15.99
N GLN B 68 7.10 -5.63 -16.33
CA GLN B 68 6.78 -6.14 -17.68
C GLN B 68 5.28 -6.06 -18.05
N ALA B 69 4.42 -5.79 -17.05
CA ALA B 69 2.99 -5.81 -17.29
C ALA B 69 2.51 -4.65 -18.15
N ASP B 70 1.52 -4.92 -18.99
CA ASP B 70 0.81 -3.90 -19.75
C ASP B 70 -0.42 -3.39 -18.94
N VAL B 71 -1.01 -4.25 -18.13
CA VAL B 71 -2.15 -3.90 -17.27
C VAL B 71 -1.92 -4.57 -15.93
N VAL B 72 -2.18 -3.85 -14.86
CA VAL B 72 -2.13 -4.37 -13.50
C VAL B 72 -3.60 -4.36 -13.03
N VAL B 73 -4.11 -5.52 -12.64
CA VAL B 73 -5.46 -5.65 -12.17
C VAL B 73 -5.37 -6.09 -10.72
N ALA B 74 -5.90 -5.27 -9.82
CA ALA B 74 -5.85 -5.60 -8.39
C ALA B 74 -7.27 -5.80 -7.80
N GLU B 75 -7.48 -6.88 -7.05
CA GLU B 75 -8.74 -7.07 -6.33
C GLU B 75 -8.43 -6.47 -4.94
N VAL B 76 -9.04 -5.32 -4.61
CA VAL B 76 -8.68 -4.56 -3.41
C VAL B 76 -9.71 -4.62 -2.29
N THR B 77 -10.53 -5.68 -2.24
CA THR B 77 -11.54 -5.81 -1.19
C THR B 77 -10.91 -6.12 0.17
N GLN B 78 -9.95 -7.04 0.21
CA GLN B 78 -9.26 -7.33 1.47
C GLN B 78 -8.08 -6.41 1.64
N PRO B 79 -7.95 -5.82 2.86
CA PRO B 79 -6.79 -4.96 3.14
C PRO B 79 -5.51 -5.82 3.08
N SER B 80 -4.47 -5.31 2.42
CA SER B 80 -3.24 -6.05 2.26
C SER B 80 -2.13 -5.07 2.03
N LEU B 81 -1.07 -5.17 2.82
CA LEU B 81 0.14 -4.34 2.59
C LEU B 81 0.75 -4.68 1.21
N GLY B 82 0.78 -5.97 0.86
CA GLY B 82 1.39 -6.42 -0.40
C GLY B 82 0.66 -5.88 -1.63
N VAL B 83 -0.67 -5.94 -1.66
CA VAL B 83 -1.45 -5.42 -2.79
C VAL B 83 -1.25 -3.91 -2.88
N GLY B 84 -1.31 -3.21 -1.73
CA GLY B 84 -1.11 -1.77 -1.75
C GLY B 84 0.27 -1.44 -2.30
N TYR B 85 1.29 -2.18 -1.83
CA TYR B 85 2.68 -1.99 -2.26
C TYR B 85 2.86 -2.21 -3.77
N GLU B 86 2.28 -3.28 -4.28
CA GLU B 86 2.33 -3.56 -5.74
C GLU B 86 1.63 -2.40 -6.49
N LEU B 87 0.50 -1.88 -5.96
CA LEU B 87 -0.16 -0.74 -6.63
C LEU B 87 0.72 0.52 -6.64
N GLY B 88 1.41 0.82 -5.52
CA GLY B 88 2.24 2.02 -5.47
C GLY B 88 3.41 1.87 -6.47
N ARG B 89 4.01 0.69 -6.50
CA ARG B 89 5.14 0.44 -7.45
C ARG B 89 4.58 0.53 -8.90
N ALA B 90 3.39 -0.01 -9.14
CA ALA B 90 2.79 -0.01 -10.48
C ALA B 90 2.54 1.46 -10.93
N VAL B 91 2.11 2.33 -9.99
CA VAL B 91 1.90 3.75 -10.34
C VAL B 91 3.20 4.38 -10.83
N ALA B 92 4.26 4.14 -10.06
CA ALA B 92 5.59 4.67 -10.37
C ALA B 92 6.22 4.04 -11.63
N PHE B 93 5.81 2.83 -11.98
CA PHE B 93 6.21 2.16 -13.22
C PHE B 93 5.35 2.61 -14.42
N ASN B 94 4.49 3.62 -14.23
CA ASN B 94 3.62 4.15 -15.28
C ASN B 94 2.71 3.11 -15.88
N LYS B 95 2.17 2.20 -15.06
CA LYS B 95 1.30 1.14 -15.54
C LYS B 95 -0.17 1.55 -15.51
N ARG B 96 -0.91 1.07 -16.47
CA ARG B 96 -2.36 1.19 -16.51
C ARG B 96 -2.88 0.23 -15.42
N ILE B 97 -3.74 0.74 -14.53
CA ILE B 97 -4.19 -0.01 -13.37
C ILE B 97 -5.71 -0.05 -13.26
N LEU B 98 -6.23 -1.21 -12.94
CA LEU B 98 -7.65 -1.41 -12.69
C LEU B 98 -7.78 -2.04 -11.33
N CYS B 99 -8.47 -1.38 -10.41
CA CYS B 99 -8.73 -1.95 -9.09
C CYS B 99 -10.19 -2.35 -9.06
N LEU B 100 -10.48 -3.49 -8.46
CA LEU B 100 -11.86 -3.98 -8.38
C LEU B 100 -12.18 -4.17 -6.90
N PHE B 101 -13.24 -3.52 -6.41
CA PHE B 101 -13.59 -3.53 -5.00
C PHE B 101 -15.03 -4.03 -4.85
N ARG B 102 -15.30 -4.90 -3.86
CA ARG B 102 -16.66 -5.43 -3.67
C ARG B 102 -17.28 -4.76 -2.48
N PRO B 103 -18.15 -3.76 -2.66
CA PRO B 103 -18.75 -3.09 -1.49
C PRO B 103 -19.61 -3.99 -0.62
N GLN B 104 -20.15 -5.13 -1.15
CA GLN B 104 -20.94 -6.04 -0.30
C GLN B 104 -20.12 -6.74 0.79
N SER B 105 -18.77 -6.62 0.74
CA SER B 105 -17.95 -7.12 1.82
C SER B 105 -18.18 -6.32 3.13
N GLY B 106 -18.84 -5.15 3.05
CA GLY B 106 -19.04 -4.27 4.20
C GLY B 106 -17.82 -3.40 4.51
N ARG B 107 -16.73 -3.56 3.74
CA ARG B 107 -15.50 -2.80 3.99
C ARG B 107 -15.56 -1.42 3.35
N VAL B 108 -14.66 -0.54 3.78
CA VAL B 108 -14.51 0.77 3.20
C VAL B 108 -13.12 0.71 2.58
N LEU B 109 -13.05 0.97 1.26
CA LEU B 109 -11.77 0.94 0.57
C LEU B 109 -10.92 2.08 1.04
N SER B 110 -9.62 1.80 1.33
CA SER B 110 -8.67 2.86 1.71
C SER B 110 -8.78 4.10 0.84
N ALA B 111 -8.82 5.29 1.47
CA ALA B 111 -8.81 6.57 0.78
C ALA B 111 -7.57 6.67 -0.14
N MET B 112 -6.44 5.98 0.21
CA MET B 112 -5.26 6.03 -0.66
C MET B 112 -5.49 5.35 -2.02
N ILE B 113 -6.33 4.31 -2.03
CA ILE B 113 -6.63 3.58 -3.28
C ILE B 113 -7.78 4.26 -3.98
N ARG B 114 -8.89 4.56 -3.26
CA ARG B 114 -10.04 5.25 -3.91
C ARG B 114 -9.57 6.61 -4.48
N GLY B 115 -8.70 7.29 -3.73
CA GLY B 115 -8.20 8.62 -4.08
C GLY B 115 -7.09 8.62 -5.10
N ALA B 116 -6.55 7.44 -5.41
CA ALA B 116 -5.51 7.31 -6.45
C ALA B 116 -6.15 7.37 -7.86
N ALA B 117 -7.44 7.02 -7.95
CA ALA B 117 -8.13 6.96 -9.21
C ALA B 117 -8.12 8.28 -9.92
N ASP B 118 -7.86 8.22 -11.22
CA ASP B 118 -7.98 9.39 -12.07
C ASP B 118 -8.99 9.11 -13.22
N GLY B 119 -9.70 7.97 -13.19
CA GLY B 119 -10.66 7.63 -14.24
C GLY B 119 -10.08 7.25 -15.58
N SER B 120 -8.74 7.21 -15.72
CA SER B 120 -8.11 6.80 -16.98
C SER B 120 -7.06 5.69 -16.75
N ARG B 121 -5.79 6.05 -16.48
CA ARG B 121 -4.72 5.09 -16.21
C ARG B 121 -4.82 4.45 -14.82
N PHE B 122 -5.59 5.06 -13.90
CA PHE B 122 -5.80 4.42 -12.59
C PHE B 122 -7.32 4.41 -12.38
N GLN B 123 -7.96 3.26 -12.51
CA GLN B 123 -9.41 3.17 -12.31
C GLN B 123 -9.75 2.27 -11.15
N VAL B 124 -10.79 2.63 -10.39
CA VAL B 124 -11.21 1.82 -9.27
C VAL B 124 -12.70 1.61 -9.52
N TRP B 125 -13.11 0.37 -9.65
CA TRP B 125 -14.53 0.06 -9.92
C TRP B 125 -15.08 -0.77 -8.86
N ASP B 126 -16.25 -0.38 -8.34
CA ASP B 126 -16.99 -1.19 -7.41
C ASP B 126 -17.68 -2.27 -8.25
N TYR B 127 -17.85 -3.45 -7.68
CA TYR B 127 -18.56 -4.51 -8.40
C TYR B 127 -19.32 -5.41 -7.48
N GLU B 128 -20.36 -6.06 -8.04
CA GLU B 128 -21.12 -7.12 -7.40
C GLU B 128 -20.45 -8.42 -7.95
N GLU B 129 -20.28 -9.45 -7.12
CA GLU B 129 -19.55 -10.65 -7.50
C GLU B 129 -20.00 -11.26 -8.83
N GLY B 130 -21.27 -11.15 -9.19
CA GLY B 130 -21.78 -11.80 -10.38
C GLY B 130 -21.33 -11.20 -11.69
N GLU B 131 -20.97 -9.92 -11.67
CA GLU B 131 -20.64 -9.19 -12.88
C GLU B 131 -19.15 -9.04 -13.16
N VAL B 132 -18.27 -9.64 -12.37
CA VAL B 132 -16.83 -9.37 -12.52
C VAL B 132 -16.27 -9.69 -13.94
N GLU B 133 -16.75 -10.78 -14.57
CA GLU B 133 -16.26 -11.09 -15.95
C GLU B 133 -16.77 -10.03 -16.93
N ALA B 134 -18.05 -9.60 -16.81
CA ALA B 134 -18.58 -8.55 -17.69
C ALA B 134 -17.83 -7.22 -17.55
N LEU B 135 -17.42 -6.87 -16.31
CA LEU B 135 -16.63 -5.64 -16.12
C LEU B 135 -15.25 -5.75 -16.80
N LEU B 136 -14.60 -6.92 -16.67
CA LEU B 136 -13.30 -7.15 -17.33
C LEU B 136 -13.43 -7.06 -18.86
N ASP B 137 -14.50 -7.67 -19.44
CA ASP B 137 -14.75 -7.54 -20.89
C ASP B 137 -14.90 -6.08 -21.29
N ARG B 138 -15.60 -5.29 -20.45
CA ARG B 138 -15.82 -3.88 -20.74
C ARG B 138 -14.49 -3.13 -20.74
N TYR B 139 -13.65 -3.41 -19.73
CA TYR B 139 -12.37 -2.74 -19.60
C TYR B 139 -11.48 -3.04 -20.82
N PHE B 140 -11.45 -4.29 -21.25
CA PHE B 140 -10.60 -4.65 -22.39
C PHE B 140 -11.28 -4.42 -23.75
C1 A1JKT C . -1.67 6.55 11.34
C2 A1JKT C . -3.20 6.56 11.57
C3 A1JKT C . -3.76 7.56 10.60
C7 A1JKT C . -4.63 8.13 8.43
C8 A1JKT C . -4.13 7.20 9.32
C9 A1JKT C . -5.26 10.49 7.85
C10 A1JKT C . -6.40 10.32 7.06
C11 A1JKT C . -6.80 11.30 6.17
C12 A1JKT C . -6.06 12.46 6.02
C13 A1JKT C . -4.92 12.65 6.78
C14 A1JKT C . -4.52 11.67 7.68
C15 A1JKT C . -0.79 8.61 10.23
C16 A1JKT C . -0.38 9.07 8.08
C19 A1JKT C . -3.51 8.92 4.89
C20 A1JKT C . -3.91 7.47 5.00
C21 A1JKT C . -5.11 7.03 4.44
C22 A1JKT C . -5.49 5.70 4.53
C24 A1JKT C . -3.49 5.21 5.75
C27 A1JKT C . -5.10 3.34 5.27
O A1JKT C . -5.87 2.85 4.42
O1 A1JKT C . -4.59 2.66 6.25
C23 A1JKT C . -4.69 4.77 5.19
C25 A1JKT C . -3.08 6.54 5.66
C18 A1JKT C . -2.41 9.28 5.88
C26 A1JKT C . -1.78 6.95 6.30
N2 A1JKT C . -1.32 8.28 5.86
C17 A1JKT C . -0.17 8.75 6.63
N1 A1JKT C . -0.65 8.07 9.03
C28 A1JKT C . -0.34 10.33 8.56
S A1JKT C . -0.61 10.35 10.26
N A1JKT C . -1.07 7.89 11.37
C A1JKT C . -0.79 8.43 12.70
C6 A1JKT C . -4.78 9.47 8.80
C5 A1JKT C . -4.38 9.84 10.08
C4 A1JKT C . -3.89 8.90 10.97
C1 EDO D . -1.95 7.47 -9.82
O1 EDO D . -1.69 8.44 -10.84
C2 EDO D . -2.23 8.18 -8.54
O2 EDO D . -3.31 9.08 -8.79
C1 A1JKT E . -3.77 -13.50 -5.10
C2 A1JKT E . -3.60 -14.50 -3.96
C3 A1JKT E . -2.14 -14.77 -3.74
C7 A1JKT E . 0.01 -14.08 -2.89
C8 A1JKT E . -1.35 -13.84 -3.09
C9 A1JKT E . 2.05 -15.50 -3.14
C10 A1JKT E . 2.67 -15.24 -1.91
C11 A1JKT E . 4.03 -15.47 -1.74
C12 A1JKT E . 4.79 -15.97 -2.77
C13 A1JKT E . 4.20 -16.23 -3.99
C14 A1JKT E . 2.85 -15.99 -4.18
C15 A1JKT E . -2.00 -13.45 -6.82
C16 A1JKT E . -0.24 -12.10 -7.05
C19 A1JKT E . 2.97 -11.79 -4.01
C20 A1JKT E . 2.19 -11.27 -2.83
C21 A1JKT E . 2.74 -11.31 -1.54
C22 A1JKT E . 2.03 -10.84 -0.45
C24 A1JKT E . 0.20 -10.29 -1.89
C27 A1JKT E . 0.00 -9.82 0.55
O A1JKT E . 0.59 -9.30 1.47
O1 A1JKT E . -1.30 -9.95 0.54
C23 A1JKT E . 0.75 -10.33 -0.61
C25 A1JKT E . 0.90 -10.75 -3.00
C18 A1JKT E . 2.08 -12.00 -5.23
C26 A1JKT E . 0.25 -10.70 -4.36
N2 A1JKT E . 1.22 -10.84 -5.45
C17 A1JKT E . 0.59 -10.88 -6.78
N1 A1JKT E . -1.46 -12.32 -6.41
C28 A1JKT E . 0.12 -13.07 -7.94
S A1JKT E . -1.08 -14.33 -8.01
N A1JKT E . -3.19 -13.93 -6.37
C A1JKT E . -3.95 -14.92 -7.12
C6 A1JKT E . 0.61 -15.25 -3.35
C5 A1JKT E . -0.19 -16.17 -4.01
C4 A1JKT E . -1.54 -15.93 -4.20
#